data_3NKZ
#
_entry.id   3NKZ
#
_cell.length_a   66.798
_cell.length_b   66.758
_cell.length_c   137.649
_cell.angle_alpha   90.00
_cell.angle_beta   90.00
_cell.angle_gamma   90.00
#
_symmetry.space_group_name_H-M   'P 21 21 21'
#
loop_
_entity.id
_entity.type
_entity.pdbx_description
1 polymer 'Flagellar protein fliT'
2 non-polymer 'SULFATE ION'
3 non-polymer 'TETRAETHYLENE GLYCOL'
4 water water
#
_entity_poly.entity_id   1
_entity_poly.type   'polypeptide(L)'
_entity_poly.pdbx_seq_one_letter_code
;SNA(MSE)ERHQHLLSEYQQILTLSEQ(MSE)LVLATEGNWDALVDLE(MSE)TYLKAVESTANITISSCSSL(MSE)LQ
DLLREKLRAILDNEIEIKRLLQLRLDRLSDLVGQSTKQQAVNNTYGQFPDHALLLGETQ
;
_entity_poly.pdbx_strand_id   A,B,C,D
#
# COMPACT_ATOMS: atom_id res chain seq x y z
N SER A 1 -1.27 -4.51 9.84
CA SER A 1 -1.96 -4.54 11.12
C SER A 1 -3.32 -5.24 11.03
N ASN A 2 -3.88 -5.55 12.19
CA ASN A 2 -5.15 -6.25 12.28
C ASN A 2 -6.33 -5.27 12.39
N ALA A 3 -7.53 -5.81 12.62
CA ALA A 3 -8.77 -5.00 12.68
C ALA A 3 -8.73 -3.89 13.71
N GLU A 5 -6.26 -2.57 15.16
CA GLU A 5 -5.17 -1.65 14.87
C GLU A 5 -5.54 -0.67 13.73
N ARG A 6 -6.18 -1.18 12.68
CA ARG A 6 -6.69 -0.33 11.61
C ARG A 6 -7.75 0.68 12.06
N HIS A 7 -8.64 0.26 12.94
CA HIS A 7 -9.70 1.12 13.46
C HIS A 7 -9.13 2.25 14.34
N GLN A 8 -8.21 1.92 15.23
CA GLN A 8 -7.61 2.95 16.05
C GLN A 8 -6.92 3.99 15.16
N HIS A 9 -6.20 3.52 14.14
CA HIS A 9 -5.45 4.43 13.28
C HIS A 9 -6.41 5.32 12.51
N LEU A 10 -7.46 4.70 11.97
CA LEU A 10 -8.40 5.44 11.16
C LEU A 10 -9.08 6.50 11.97
N LEU A 11 -9.58 6.12 13.13
CA LEU A 11 -10.26 7.06 14.01
C LEU A 11 -9.26 8.12 14.47
N SER A 12 -8.11 7.64 14.89
CA SER A 12 -7.06 8.56 15.32
C SER A 12 -6.78 9.62 14.26
N GLU A 13 -6.68 9.22 12.98
CA GLU A 13 -6.36 10.17 11.90
C GLU A 13 -7.40 11.29 11.78
N TYR A 14 -8.66 10.92 11.97
CA TYR A 14 -9.76 11.86 11.87
C TYR A 14 -9.80 12.77 13.08
N GLN A 15 -9.38 12.24 14.22
CA GLN A 15 -9.28 13.05 15.42
C GLN A 15 -8.24 14.16 15.20
N GLN A 16 -7.08 13.78 14.69
CA GLN A 16 -6.06 14.76 14.34
C GLN A 16 -6.63 15.86 13.45
N ILE A 17 -7.22 15.48 12.34
CA ILE A 17 -7.75 16.47 11.40
C ILE A 17 -8.81 17.36 12.04
N LEU A 18 -9.79 16.76 12.71
CA LEU A 18 -10.89 17.54 13.23
C LEU A 18 -10.38 18.49 14.28
N THR A 19 -9.42 18.00 15.05
CA THR A 19 -8.87 18.79 16.13
C THR A 19 -8.10 20.01 15.60
N LEU A 20 -7.44 19.83 14.46
CA LEU A 20 -6.77 20.93 13.79
C LEU A 20 -7.77 21.89 13.14
N SER A 21 -8.69 21.33 12.38
CA SER A 21 -9.81 22.07 11.86
C SER A 21 -10.39 23.02 12.92
N GLU A 22 -10.68 22.48 14.09
CA GLU A 22 -11.24 23.27 15.19
C GLU A 22 -10.32 24.42 15.64
N GLN A 23 -9.05 24.13 15.90
CA GLN A 23 -8.11 25.18 16.30
C GLN A 23 -8.11 26.33 15.31
N LEU A 25 -10.36 27.08 12.87
CA LEU A 25 -11.65 27.78 12.84
C LEU A 25 -11.76 28.81 13.95
N VAL A 26 -11.16 28.52 15.11
CA VAL A 26 -11.19 29.48 16.21
C VAL A 26 -10.25 30.67 15.99
N LEU A 27 -9.08 30.43 15.42
CA LEU A 27 -8.24 31.53 15.01
C LEU A 27 -9.05 32.40 14.07
N ALA A 28 -9.62 31.75 13.06
CA ALA A 28 -10.41 32.43 12.02
C ALA A 28 -11.46 33.39 12.57
N THR A 29 -12.27 32.89 13.50
CA THR A 29 -13.36 33.66 14.04
C THR A 29 -12.87 34.92 14.74
N GLU A 30 -11.56 35.08 14.85
CA GLU A 30 -11.03 36.26 15.52
C GLU A 30 -9.58 36.56 15.18
N GLY A 31 -9.35 37.12 14.01
CA GLY A 31 -8.01 37.51 13.59
C GLY A 31 -7.10 36.30 13.59
N ASN A 32 -5.94 36.42 14.22
CA ASN A 32 -4.96 35.34 14.24
C ASN A 32 -4.89 34.65 12.90
N TRP A 33 -5.07 35.45 11.85
CA TRP A 33 -5.17 34.92 10.50
C TRP A 33 -3.83 34.39 10.00
N ASP A 34 -2.75 34.77 10.67
CA ASP A 34 -1.44 34.24 10.30
C ASP A 34 -1.11 33.06 11.21
N ALA A 35 -1.62 33.10 12.43
CA ALA A 35 -1.47 31.98 13.35
C ALA A 35 -2.09 30.77 12.70
N LEU A 36 -2.99 31.05 11.76
CA LEU A 36 -3.74 30.02 11.06
C LEU A 36 -2.84 29.34 10.04
N VAL A 37 -1.90 30.10 9.50
CA VAL A 37 -1.06 29.61 8.41
C VAL A 37 -0.10 28.55 8.92
N ASP A 38 0.17 28.61 10.22
CA ASP A 38 1.11 27.71 10.86
C ASP A 38 0.52 26.33 10.94
N LEU A 39 -0.71 26.28 11.45
CA LEU A 39 -1.43 25.03 11.56
C LEU A 39 -1.62 24.44 10.18
N GLU A 40 -1.76 25.29 9.17
CA GLU A 40 -2.09 24.83 7.82
C GLU A 40 -1.25 23.65 7.32
N THR A 42 0.53 21.53 9.04
CA THR A 42 0.31 20.37 9.89
C THR A 42 -1.04 19.73 9.57
N TYR A 43 -2.03 20.58 9.34
CA TYR A 43 -3.34 20.17 8.92
C TYR A 43 -3.22 19.34 7.65
N LEU A 44 -2.46 19.86 6.70
CA LEU A 44 -2.35 19.24 5.40
C LEU A 44 -1.64 17.91 5.48
N LYS A 45 -0.77 17.74 6.47
CA LYS A 45 -0.03 16.49 6.55
C LYS A 45 -0.87 15.41 7.21
N ALA A 46 -1.80 15.84 8.05
CA ALA A 46 -2.69 14.91 8.72
C ALA A 46 -3.62 14.40 7.66
N VAL A 47 -4.03 15.31 6.78
CA VAL A 47 -4.88 14.99 5.64
C VAL A 47 -4.18 14.03 4.68
N GLU A 48 -2.89 14.23 4.46
CA GLU A 48 -2.13 13.33 3.60
C GLU A 48 -2.08 11.91 4.19
N SER A 49 -1.95 11.85 5.51
CA SER A 49 -1.80 10.57 6.18
C SER A 49 -3.12 9.81 6.18
N THR A 50 -4.23 10.54 6.11
CA THR A 50 -5.54 9.92 6.05
C THR A 50 -5.82 9.41 4.66
N ALA A 51 -5.50 10.25 3.67
CA ALA A 51 -5.71 9.88 2.28
C ALA A 51 -4.93 8.60 2.01
N ASN A 52 -3.75 8.51 2.60
CA ASN A 52 -2.84 7.40 2.35
C ASN A 52 -3.36 6.07 2.84
N ILE A 53 -4.25 6.12 3.82
CA ILE A 53 -4.86 4.88 4.30
C ILE A 53 -5.40 4.06 3.12
N THR A 54 -6.30 4.67 2.36
CA THR A 54 -6.89 4.07 1.17
C THR A 54 -5.86 3.74 0.08
N ILE A 55 -4.93 4.64 -0.11
CA ILE A 55 -3.92 4.46 -1.15
C ILE A 55 -3.04 3.23 -0.90
N SER A 56 -2.47 3.17 0.29
CA SER A 56 -1.50 2.12 0.65
C SER A 56 -2.12 0.72 0.65
N SER A 57 -3.43 0.66 0.83
CA SER A 57 -4.13 -0.62 0.86
C SER A 57 -4.54 -1.14 -0.52
N CYS A 58 -4.24 -0.37 -1.56
CA CYS A 58 -4.73 -0.64 -2.91
C CYS A 58 -4.00 -1.79 -3.63
N SER A 59 -4.78 -2.72 -4.21
CA SER A 59 -4.24 -3.87 -4.94
C SER A 59 -3.29 -3.44 -6.06
N SER A 60 -3.85 -2.72 -7.02
CA SER A 60 -3.11 -2.30 -8.20
C SER A 60 -1.89 -1.49 -7.81
N LEU A 61 -0.72 -2.00 -8.14
CA LEU A 61 0.49 -1.25 -7.89
C LEU A 61 0.54 -0.08 -8.85
N LEU A 63 -1.91 1.60 -10.02
CA LEU A 63 -2.81 2.61 -9.52
C LEU A 63 -2.27 3.27 -8.24
N GLN A 64 -1.71 2.48 -7.33
CA GLN A 64 -1.15 3.03 -6.10
C GLN A 64 -0.06 4.02 -6.44
N ASP A 65 0.75 3.68 -7.44
CA ASP A 65 1.78 4.57 -7.94
C ASP A 65 1.16 5.92 -8.24
N LEU A 66 0.10 5.87 -9.04
CA LEU A 66 -0.43 7.07 -9.68
C LEU A 66 -1.27 7.91 -8.72
N LEU A 67 -1.96 7.26 -7.81
CA LEU A 67 -2.71 8.00 -6.80
C LEU A 67 -1.77 8.81 -5.93
N ARG A 68 -0.60 8.25 -5.60
CA ARG A 68 0.34 8.99 -4.76
C ARG A 68 0.77 10.26 -5.50
N GLU A 69 1.05 10.10 -6.79
CA GLU A 69 1.40 11.20 -7.67
C GLU A 69 0.34 12.31 -7.67
N LYS A 70 -0.92 11.91 -7.81
CA LYS A 70 -2.02 12.86 -7.79
C LYS A 70 -2.24 13.51 -6.41
N LEU A 71 -2.07 12.75 -5.34
CA LEU A 71 -2.22 13.30 -3.99
C LEU A 71 -1.16 14.36 -3.71
N ARG A 72 0.08 14.12 -4.12
CA ARG A 72 1.11 15.13 -3.89
C ARG A 72 0.86 16.39 -4.72
N ALA A 73 0.29 16.23 -5.90
CA ALA A 73 -0.04 17.37 -6.74
C ALA A 73 -1.16 18.17 -6.11
N ILE A 74 -2.18 17.48 -5.64
CA ILE A 74 -3.31 18.10 -4.98
C ILE A 74 -2.87 18.92 -3.79
N LEU A 75 -1.98 18.33 -3.00
CA LEU A 75 -1.49 19.00 -1.81
C LEU A 75 -0.62 20.21 -2.16
N ASP A 76 0.28 20.04 -3.12
CA ASP A 76 1.18 21.13 -3.51
C ASP A 76 0.36 22.28 -4.06
N ASN A 77 -0.71 21.95 -4.79
CA ASN A 77 -1.61 22.96 -5.31
C ASN A 77 -2.39 23.68 -4.21
N GLU A 78 -2.93 22.93 -3.25
CA GLU A 78 -3.59 23.55 -2.09
C GLU A 78 -2.64 24.49 -1.35
N ILE A 79 -1.38 24.07 -1.25
CA ILE A 79 -0.36 24.88 -0.61
C ILE A 79 -0.12 26.17 -1.40
N GLU A 80 -0.07 26.05 -2.73
CA GLU A 80 0.25 27.18 -3.60
C GLU A 80 -0.89 28.18 -3.72
N ILE A 81 -2.12 27.69 -3.73
CA ILE A 81 -3.24 28.61 -3.71
C ILE A 81 -3.26 29.41 -2.42
N LYS A 82 -3.20 28.71 -1.29
CA LYS A 82 -3.26 29.32 0.02
C LYS A 82 -2.17 30.38 0.20
N ARG A 83 -1.04 30.18 -0.47
CA ARG A 83 0.04 31.16 -0.45
C ARG A 83 -0.40 32.38 -1.23
N LEU A 84 -0.80 32.12 -2.48
CA LEU A 84 -1.34 33.15 -3.38
C LEU A 84 -2.39 34.02 -2.69
N LEU A 85 -3.25 33.41 -1.90
CA LEU A 85 -4.26 34.17 -1.20
C LEU A 85 -3.69 34.87 0.03
N GLN A 86 -2.75 34.23 0.73
CA GLN A 86 -2.09 34.95 1.81
C GLN A 86 -1.41 36.15 1.20
N LEU A 87 -0.68 35.94 0.12
CA LEU A 87 0.00 37.04 -0.58
C LEU A 87 -0.97 38.15 -1.01
N ARG A 88 -2.11 37.79 -1.60
CA ARG A 88 -3.13 38.76 -1.97
C ARG A 88 -3.53 39.57 -0.75
N LEU A 89 -3.92 38.88 0.32
CA LEU A 89 -4.24 39.52 1.58
C LEU A 89 -3.06 40.37 2.03
N ASP A 90 -1.98 39.72 2.44
CA ASP A 90 -0.74 40.40 2.80
C ASP A 90 -0.57 41.67 1.96
N ARG A 91 -0.75 41.54 0.65
CA ARG A 91 -0.64 42.70 -0.23
C ARG A 91 -1.75 43.72 0.04
N LEU A 92 -2.97 43.41 -0.37
CA LEU A 92 -4.10 44.32 -0.15
C LEU A 92 -4.00 45.10 1.17
N SER A 93 -3.58 44.41 2.24
CA SER A 93 -3.60 44.99 3.58
C SER A 93 -2.54 46.06 3.81
N ASP A 94 -1.29 45.72 3.55
CA ASP A 94 -0.21 46.69 3.70
C ASP A 94 -0.54 47.93 2.88
N LEU A 95 -1.04 47.68 1.66
CA LEU A 95 -1.50 48.74 0.77
C LEU A 95 -2.29 49.79 1.52
N VAL A 96 -3.52 49.45 1.87
CA VAL A 96 -4.36 50.34 2.65
C VAL A 96 -3.61 50.87 3.87
N GLY A 97 -3.54 50.06 4.93
CA GLY A 97 -2.87 50.47 6.14
C GLY A 97 -2.78 49.35 7.15
N SER B 1 -16.18 -7.51 -11.93
CA SER B 1 -14.95 -7.54 -11.16
C SER B 1 -14.92 -6.42 -10.14
N ASN B 2 -15.24 -6.75 -8.89
CA ASN B 2 -15.29 -5.75 -7.83
C ASN B 2 -14.00 -4.97 -7.77
N ALA B 3 -12.87 -5.66 -7.74
CA ALA B 3 -11.58 -4.99 -7.69
C ALA B 3 -11.49 -3.95 -8.80
N GLU B 5 -13.88 -2.46 -10.60
CA GLU B 5 -14.81 -1.36 -10.34
C GLU B 5 -14.30 -0.45 -9.24
N ARG B 6 -14.04 -1.03 -8.07
CA ARG B 6 -13.47 -0.29 -6.96
C ARG B 6 -12.34 0.63 -7.45
N HIS B 7 -11.45 0.08 -8.28
CA HIS B 7 -10.29 0.84 -8.77
C HIS B 7 -10.65 2.01 -9.68
N GLN B 8 -11.64 1.84 -10.54
CA GLN B 8 -12.11 2.92 -11.41
C GLN B 8 -12.66 4.07 -10.59
N HIS B 9 -13.53 3.71 -9.66
CA HIS B 9 -14.16 4.69 -8.81
C HIS B 9 -13.12 5.47 -8.03
N LEU B 10 -12.20 4.77 -7.39
CA LEU B 10 -11.14 5.44 -6.65
C LEU B 10 -10.33 6.35 -7.58
N LEU B 11 -9.96 5.83 -8.74
CA LEU B 11 -9.19 6.61 -9.69
C LEU B 11 -9.99 7.84 -10.09
N SER B 12 -11.24 7.62 -10.48
CA SER B 12 -12.11 8.70 -10.94
C SER B 12 -12.19 9.80 -9.92
N GLU B 13 -12.38 9.40 -8.66
CA GLU B 13 -12.50 10.38 -7.61
C GLU B 13 -11.27 11.28 -7.53
N TYR B 14 -10.08 10.69 -7.49
CA TYR B 14 -8.85 11.49 -7.44
C TYR B 14 -8.65 12.30 -8.68
N GLN B 15 -9.04 11.73 -9.82
CA GLN B 15 -8.99 12.49 -11.03
C GLN B 15 -9.89 13.71 -10.86
N GLN B 16 -11.09 13.52 -10.31
CA GLN B 16 -12.03 14.64 -10.21
C GLN B 16 -11.47 15.71 -9.34
N ILE B 17 -10.89 15.29 -8.21
CA ILE B 17 -10.29 16.22 -7.27
C ILE B 17 -9.12 16.97 -7.90
N LEU B 18 -8.22 16.27 -8.58
CA LEU B 18 -7.06 16.94 -9.14
C LEU B 18 -7.47 17.94 -10.22
N THR B 19 -8.39 17.55 -11.08
CA THR B 19 -8.86 18.43 -12.11
C THR B 19 -9.32 19.73 -11.50
N LEU B 20 -10.21 19.62 -10.51
CA LEU B 20 -10.74 20.77 -9.80
C LEU B 20 -9.67 21.60 -9.10
N SER B 21 -8.68 20.91 -8.54
CA SER B 21 -7.51 21.57 -7.94
C SER B 21 -6.68 22.33 -8.99
N GLU B 22 -6.57 21.78 -10.19
CA GLU B 22 -5.80 22.43 -11.24
C GLU B 22 -6.52 23.65 -11.78
N GLN B 23 -7.82 23.55 -11.92
CA GLN B 23 -8.59 24.68 -12.42
C GLN B 23 -8.56 25.82 -11.42
N LEU B 25 -6.17 26.38 -9.15
CA LEU B 25 -4.82 26.93 -9.12
C LEU B 25 -4.58 28.04 -10.14
N VAL B 26 -4.88 27.78 -11.40
CA VAL B 26 -4.61 28.73 -12.46
C VAL B 26 -5.50 29.96 -12.31
N LEU B 27 -6.72 29.74 -11.81
CA LEU B 27 -7.62 30.84 -11.50
C LEU B 27 -7.00 31.74 -10.44
N ALA B 28 -6.40 31.10 -9.43
CA ALA B 28 -5.74 31.82 -8.35
C ALA B 28 -4.52 32.56 -8.88
N THR B 29 -3.81 31.93 -9.82
CA THR B 29 -2.56 32.46 -10.36
C THR B 29 -2.79 33.73 -11.14
N GLU B 30 -3.92 33.84 -11.81
CA GLU B 30 -4.19 35.03 -12.58
C GLU B 30 -5.16 35.94 -11.85
N GLY B 31 -5.46 35.58 -10.61
CA GLY B 31 -6.22 36.42 -9.70
C GLY B 31 -7.67 36.61 -10.09
N ASN B 32 -8.40 35.52 -10.26
CA ASN B 32 -9.83 35.59 -10.48
C ASN B 32 -10.61 35.01 -9.30
N TRP B 33 -10.43 35.63 -8.14
CA TRP B 33 -10.96 35.09 -6.89
C TRP B 33 -12.47 34.97 -6.89
N ASP B 34 -13.08 35.48 -7.96
CA ASP B 34 -14.51 35.29 -8.18
C ASP B 34 -14.82 33.81 -8.48
N ALA B 35 -14.34 33.33 -9.62
CA ALA B 35 -14.68 31.99 -10.09
C ALA B 35 -14.26 30.92 -9.10
N LEU B 36 -13.71 31.35 -7.98
CA LEU B 36 -13.04 30.46 -7.05
C LEU B 36 -13.95 29.85 -5.99
N VAL B 37 -14.76 30.68 -5.36
CA VAL B 37 -15.63 30.21 -4.29
C VAL B 37 -16.60 29.17 -4.82
N ASP B 38 -16.92 29.28 -6.11
CA ASP B 38 -17.86 28.34 -6.72
C ASP B 38 -17.23 26.97 -6.86
N LEU B 39 -16.09 26.91 -7.55
CA LEU B 39 -15.39 25.65 -7.69
C LEU B 39 -15.14 25.01 -6.35
N GLU B 40 -15.13 25.80 -5.28
CA GLU B 40 -14.70 25.28 -3.99
C GLU B 40 -15.72 24.31 -3.42
N THR B 42 -17.81 22.45 -4.95
CA THR B 42 -17.85 21.23 -5.75
C THR B 42 -16.66 20.36 -5.42
N TYR B 43 -15.57 21.03 -5.08
CA TYR B 43 -14.31 20.38 -4.79
C TYR B 43 -14.38 19.71 -3.41
N LEU B 44 -14.91 20.40 -2.42
CA LEU B 44 -15.10 19.82 -1.09
C LEU B 44 -16.03 18.63 -1.15
N LYS B 45 -16.99 18.72 -2.05
CA LYS B 45 -17.91 17.62 -2.31
C LYS B 45 -17.21 16.41 -2.92
N ALA B 46 -16.25 16.64 -3.81
CA ALA B 46 -15.48 15.52 -4.36
C ALA B 46 -14.59 14.93 -3.28
N VAL B 47 -14.04 15.79 -2.42
CA VAL B 47 -13.22 15.34 -1.30
C VAL B 47 -14.03 14.45 -0.37
N GLU B 48 -15.16 14.97 0.09
CA GLU B 48 -16.13 14.21 0.87
C GLU B 48 -16.34 12.83 0.28
N SER B 49 -16.67 12.81 -1.02
CA SER B 49 -17.04 11.57 -1.72
C SER B 49 -15.93 10.54 -1.68
N THR B 50 -14.68 10.99 -1.79
CA THR B 50 -13.54 10.09 -1.77
C THR B 50 -13.19 9.64 -0.35
N ALA B 51 -13.38 10.54 0.60
CA ALA B 51 -13.15 10.20 2.00
C ALA B 51 -14.13 9.11 2.45
N ASN B 52 -15.35 9.16 1.90
CA ASN B 52 -16.32 8.14 2.23
C ASN B 52 -15.92 6.75 1.73
N ILE B 53 -15.04 6.69 0.74
CA ILE B 53 -14.59 5.40 0.26
C ILE B 53 -14.02 4.64 1.46
N THR B 54 -13.10 5.29 2.15
CA THR B 54 -12.45 4.66 3.29
C THR B 54 -13.42 4.35 4.43
N ILE B 55 -14.31 5.29 4.72
CA ILE B 55 -15.25 5.11 5.81
C ILE B 55 -16.19 3.93 5.56
N SER B 56 -16.77 3.87 4.37
CA SER B 56 -17.76 2.85 4.05
C SER B 56 -17.22 1.42 4.08
N SER B 57 -15.92 1.24 3.85
CA SER B 57 -15.32 -0.09 3.83
C SER B 57 -14.90 -0.53 5.23
N CYS B 58 -15.17 0.31 6.21
CA CYS B 58 -14.83 0.00 7.59
C CYS B 58 -15.87 -0.93 8.25
N SER B 59 -15.39 -2.02 8.84
CA SER B 59 -16.28 -3.04 9.40
C SER B 59 -17.15 -2.56 10.58
N SER B 60 -16.59 -1.73 11.45
CA SER B 60 -17.35 -1.21 12.57
C SER B 60 -18.34 -0.15 12.13
N LEU B 61 -19.63 -0.42 12.31
CA LEU B 61 -20.67 0.55 11.95
C LEU B 61 -20.73 1.76 12.88
N LEU B 63 -18.23 3.07 14.13
CA LEU B 63 -17.11 3.89 13.70
C LEU B 63 -17.48 4.65 12.43
N GLN B 64 -18.18 3.98 11.52
CA GLN B 64 -18.63 4.62 10.29
C GLN B 64 -19.40 5.90 10.59
N ASP B 65 -20.24 5.85 11.61
CA ASP B 65 -21.08 6.99 11.96
C ASP B 65 -20.29 8.13 12.58
N LEU B 66 -19.40 7.78 13.49
CA LEU B 66 -18.54 8.78 14.11
C LEU B 66 -17.73 9.50 13.03
N LEU B 67 -17.10 8.72 12.17
CA LEU B 67 -16.25 9.27 11.12
C LEU B 67 -17.04 10.19 10.18
N ARG B 68 -18.23 9.74 9.79
CA ARG B 68 -19.10 10.59 8.97
C ARG B 68 -19.43 11.91 9.65
N GLU B 69 -19.74 11.85 10.95
CA GLU B 69 -19.96 13.05 11.74
C GLU B 69 -18.71 13.92 11.72
N LYS B 70 -17.55 13.30 11.93
CA LYS B 70 -16.31 14.07 11.94
C LYS B 70 -15.99 14.60 10.56
N LEU B 71 -16.28 13.81 9.53
CA LEU B 71 -16.06 14.23 8.16
C LEU B 71 -16.91 15.45 7.85
N ARG B 72 -18.18 15.38 8.20
CA ARG B 72 -19.10 16.48 7.96
C ARG B 72 -18.65 17.70 8.75
N ALA B 73 -18.20 17.50 9.99
CA ALA B 73 -17.78 18.61 10.82
C ALA B 73 -16.53 19.23 10.23
N ILE B 74 -15.59 18.41 9.81
CA ILE B 74 -14.41 18.95 9.16
C ILE B 74 -14.72 19.82 7.95
N LEU B 75 -15.61 19.35 7.09
CA LEU B 75 -15.92 20.05 5.85
C LEU B 75 -16.63 21.38 6.09
N ASP B 76 -17.36 21.48 7.20
CA ASP B 76 -18.11 22.69 7.48
C ASP B 76 -17.22 23.72 8.13
N ASN B 77 -16.25 23.24 8.91
CA ASN B 77 -15.25 24.12 9.46
C ASN B 77 -14.41 24.71 8.33
N GLU B 78 -14.07 23.88 7.35
CA GLU B 78 -13.29 24.34 6.19
C GLU B 78 -14.07 25.39 5.42
N ILE B 79 -15.36 25.12 5.21
CA ILE B 79 -16.23 26.08 4.55
C ILE B 79 -16.34 27.37 5.35
N GLU B 80 -16.70 27.26 6.62
CA GLU B 80 -16.76 28.40 7.51
C GLU B 80 -15.44 29.16 7.56
N ILE B 81 -14.34 28.46 7.70
CA ILE B 81 -13.04 29.11 7.65
C ILE B 81 -12.90 29.94 6.38
N LYS B 82 -13.25 29.34 5.26
CA LYS B 82 -13.12 30.00 3.97
C LYS B 82 -14.16 31.11 3.78
N ARG B 83 -15.40 30.84 4.17
CA ARG B 83 -16.42 31.88 4.14
C ARG B 83 -15.97 33.07 4.97
N LEU B 84 -15.28 32.79 6.07
CA LEU B 84 -14.81 33.83 6.97
C LEU B 84 -13.63 34.58 6.40
N LEU B 85 -13.11 34.09 5.28
CA LEU B 85 -11.88 34.63 4.73
C LEU B 85 -12.16 35.45 3.49
N GLN B 86 -13.12 35.02 2.69
CA GLN B 86 -13.59 35.82 1.57
C GLN B 86 -14.05 37.12 2.20
N LEU B 87 -14.77 36.97 3.29
CA LEU B 87 -15.32 38.09 4.03
C LEU B 87 -14.23 39.11 4.31
N ARG B 88 -13.12 38.66 4.87
CA ARG B 88 -12.03 39.56 5.23
C ARG B 88 -11.25 40.06 4.01
N LEU B 89 -11.07 39.20 3.01
CA LEU B 89 -10.36 39.58 1.78
C LEU B 89 -11.13 40.64 1.02
N ASP B 90 -12.45 40.45 0.95
CA ASP B 90 -13.30 41.38 0.24
C ASP B 90 -13.41 42.68 1.01
N ARG B 91 -13.50 42.56 2.33
CA ARG B 91 -13.55 43.72 3.21
C ARG B 91 -12.35 44.65 3.01
N LEU B 92 -11.19 44.07 2.72
CA LEU B 92 -9.99 44.84 2.43
C LEU B 92 -10.02 45.50 1.04
N SER B 93 -10.09 44.68 0.00
CA SER B 93 -10.00 45.18 -1.38
C SER B 93 -11.12 46.16 -1.75
N ASP B 94 -11.99 46.47 -0.80
CA ASP B 94 -13.03 47.48 -0.99
C ASP B 94 -12.60 48.82 -0.40
N LEU B 95 -12.31 48.83 0.90
CA LEU B 95 -11.84 50.03 1.57
C LEU B 95 -10.93 50.90 0.68
N VAL B 96 -10.07 50.23 -0.09
CA VAL B 96 -9.09 50.91 -0.93
C VAL B 96 -9.71 51.69 -2.09
N GLY B 97 -9.86 51.05 -3.25
CA GLY B 97 -10.40 51.68 -4.43
C GLY B 97 -11.40 50.81 -5.16
N SER C 1 -17.95 -5.53 3.12
CA SER C 1 -17.15 -5.06 1.99
C SER C 1 -15.73 -5.62 2.03
N ASN C 2 -14.73 -4.74 2.18
CA ASN C 2 -13.35 -5.13 2.01
C ASN C 2 -12.86 -6.35 2.83
N ALA C 3 -13.42 -6.55 4.03
CA ALA C 3 -13.07 -7.72 4.85
C ALA C 3 -13.50 -9.03 4.21
N GLU C 5 -14.08 -9.31 1.01
CA GLU C 5 -13.28 -9.27 -0.21
C GLU C 5 -11.85 -9.68 0.05
N ARG C 6 -11.33 -9.33 1.23
CA ARG C 6 -9.95 -9.64 1.58
C ARG C 6 -9.78 -11.11 1.94
N HIS C 7 -10.79 -11.65 2.61
CA HIS C 7 -10.82 -13.05 3.00
C HIS C 7 -10.97 -13.94 1.79
N GLN C 8 -11.88 -13.60 0.89
CA GLN C 8 -12.02 -14.34 -0.35
C GLN C 8 -10.69 -14.38 -1.11
N HIS C 9 -9.99 -13.25 -1.17
CA HIS C 9 -8.81 -13.17 -2.01
C HIS C 9 -7.61 -13.88 -1.41
N LEU C 10 -7.48 -13.81 -0.09
CA LEU C 10 -6.35 -14.47 0.57
C LEU C 10 -6.50 -15.97 0.45
N LEU C 11 -7.71 -16.46 0.64
CA LEU C 11 -7.98 -17.88 0.51
C LEU C 11 -7.68 -18.31 -0.91
N SER C 12 -8.24 -17.58 -1.86
CA SER C 12 -8.00 -17.84 -3.27
C SER C 12 -6.52 -17.99 -3.55
N GLU C 13 -5.72 -17.05 -3.04
CA GLU C 13 -4.29 -17.05 -3.35
C GLU C 13 -3.57 -18.27 -2.79
N TYR C 14 -4.01 -18.73 -1.62
CA TYR C 14 -3.40 -19.91 -0.98
C TYR C 14 -3.82 -21.19 -1.69
N GLN C 15 -5.08 -21.24 -2.10
CA GLN C 15 -5.55 -22.35 -2.88
C GLN C 15 -4.74 -22.47 -4.17
N GLN C 16 -4.51 -21.34 -4.84
CA GLN C 16 -3.73 -21.32 -6.10
C GLN C 16 -2.33 -21.91 -5.92
N ILE C 17 -1.59 -21.35 -4.96
CA ILE C 17 -0.25 -21.84 -4.65
C ILE C 17 -0.29 -23.32 -4.31
N LEU C 18 -1.11 -23.69 -3.33
CA LEU C 18 -1.17 -25.08 -2.92
C LEU C 18 -1.53 -25.97 -4.10
N THR C 19 -2.45 -25.51 -4.94
CA THR C 19 -2.85 -26.31 -6.10
C THR C 19 -1.67 -26.54 -7.04
N LEU C 20 -0.93 -25.48 -7.31
CA LEU C 20 0.27 -25.57 -8.13
C LEU C 20 1.31 -26.40 -7.42
N SER C 21 1.44 -26.16 -6.13
CA SER C 21 2.30 -26.95 -5.26
C SER C 21 2.01 -28.44 -5.39
N GLU C 22 0.73 -28.81 -5.33
CA GLU C 22 0.33 -30.22 -5.43
C GLU C 22 0.51 -30.76 -6.84
N GLN C 23 0.11 -29.98 -7.84
CA GLN C 23 0.35 -30.38 -9.23
C GLN C 23 1.82 -30.71 -9.44
N LEU C 25 4.25 -31.59 -7.24
CA LEU C 25 4.85 -32.67 -6.46
C LEU C 25 4.60 -34.03 -7.10
N VAL C 26 3.48 -34.17 -7.81
CA VAL C 26 3.19 -35.41 -8.51
C VAL C 26 4.05 -35.55 -9.74
N LEU C 27 4.29 -34.43 -10.44
CA LEU C 27 5.20 -34.40 -11.56
C LEU C 27 6.61 -34.75 -11.12
N ALA C 28 7.00 -34.25 -9.96
CA ALA C 28 8.30 -34.57 -9.39
C ALA C 28 8.36 -36.04 -8.97
N THR C 29 7.41 -36.45 -8.13
CA THR C 29 7.25 -37.85 -7.74
C THR C 29 7.25 -38.78 -8.93
N GLU C 30 6.66 -38.34 -10.04
CA GLU C 30 6.57 -39.17 -11.24
C GLU C 30 7.73 -38.91 -12.21
N GLY C 31 8.71 -38.12 -11.78
CA GLY C 31 9.90 -37.89 -12.58
C GLY C 31 9.70 -37.12 -13.87
N ASN C 32 8.48 -36.62 -14.12
CA ASN C 32 8.24 -35.81 -15.29
CA ASN C 32 8.22 -35.81 -15.30
C ASN C 32 8.72 -34.39 -15.07
N TRP C 33 10.03 -34.22 -15.03
CA TRP C 33 10.66 -32.96 -14.65
C TRP C 33 10.36 -31.78 -15.58
N ASP C 34 10.61 -31.94 -16.88
CA ASP C 34 10.41 -30.83 -17.80
C ASP C 34 8.99 -30.27 -17.70
N ALA C 35 8.04 -31.13 -17.39
CA ALA C 35 6.67 -30.70 -17.18
C ALA C 35 6.56 -29.92 -15.86
N LEU C 36 7.37 -30.30 -14.88
CA LEU C 36 7.47 -29.59 -13.62
C LEU C 36 8.04 -28.20 -13.82
N VAL C 37 9.04 -28.09 -14.69
CA VAL C 37 9.72 -26.81 -14.92
C VAL C 37 8.71 -25.80 -15.42
N ASP C 38 7.66 -26.28 -16.05
CA ASP C 38 6.69 -25.40 -16.69
C ASP C 38 5.82 -24.63 -15.68
N LEU C 39 5.34 -25.31 -14.66
CA LEU C 39 4.51 -24.68 -13.65
C LEU C 39 5.27 -23.64 -12.80
N GLU C 40 6.59 -23.79 -12.71
CA GLU C 40 7.35 -23.05 -11.71
C GLU C 40 7.17 -21.55 -11.86
N THR C 42 4.48 -20.04 -13.09
CA THR C 42 3.12 -19.76 -12.64
C THR C 42 3.03 -19.77 -11.11
N TYR C 43 3.64 -20.79 -10.52
CA TYR C 43 3.69 -20.94 -9.08
C TYR C 43 4.34 -19.72 -8.43
N LEU C 44 5.45 -19.29 -9.03
CA LEU C 44 6.18 -18.14 -8.53
C LEU C 44 5.36 -16.87 -8.65
N LYS C 45 4.42 -16.84 -9.60
CA LYS C 45 3.51 -15.71 -9.75
C LYS C 45 2.43 -15.68 -8.66
N ALA C 46 1.94 -16.86 -8.30
CA ALA C 46 0.92 -16.96 -7.26
C ALA C 46 1.55 -16.52 -5.94
N VAL C 47 2.75 -17.01 -5.67
CA VAL C 47 3.48 -16.60 -4.47
C VAL C 47 3.68 -15.09 -4.42
N GLU C 48 4.00 -14.48 -5.55
CA GLU C 48 4.21 -13.03 -5.57
C GLU C 48 2.90 -12.34 -5.20
N SER C 49 1.82 -12.77 -5.84
CA SER C 49 0.51 -12.20 -5.58
C SER C 49 0.19 -12.24 -4.10
N THR C 50 0.50 -13.37 -3.48
CA THR C 50 0.21 -13.59 -2.08
C THR C 50 1.07 -12.66 -1.21
N ALA C 51 2.34 -12.54 -1.56
CA ALA C 51 3.27 -11.70 -0.81
C ALA C 51 2.83 -10.24 -0.82
N ASN C 52 2.45 -9.76 -2.01
CA ASN C 52 1.97 -8.39 -2.16
C ASN C 52 0.87 -8.04 -1.20
N ILE C 53 0.15 -9.04 -0.72
CA ILE C 53 -0.92 -8.77 0.22
C ILE C 53 -0.36 -8.27 1.56
N THR C 54 0.70 -8.90 2.03
CA THR C 54 1.37 -8.48 3.25
C THR C 54 1.90 -7.07 3.09
N ILE C 55 2.54 -6.81 1.95
CA ILE C 55 3.15 -5.52 1.67
C ILE C 55 2.10 -4.41 1.62
N SER C 56 0.92 -4.76 1.13
CA SER C 56 -0.17 -3.80 0.97
C SER C 56 -0.84 -3.51 2.30
N SER C 57 -0.71 -4.46 3.22
CA SER C 57 -1.28 -4.29 4.55
C SER C 57 -0.26 -3.57 5.43
N CYS C 58 0.72 -2.95 4.77
CA CYS C 58 1.69 -2.09 5.43
C CYS C 58 1.37 -0.64 5.09
N SER C 59 1.15 0.18 6.13
CA SER C 59 0.68 1.56 5.96
C SER C 59 1.75 2.56 5.53
N SER C 60 3.01 2.15 5.60
CA SER C 60 4.12 3.02 5.18
C SER C 60 4.42 2.77 3.73
N LEU C 61 4.02 3.71 2.88
CA LEU C 61 4.14 3.54 1.44
C LEU C 61 5.59 3.57 1.00
N LEU C 63 7.86 2.20 2.92
CA LEU C 63 8.25 0.84 3.29
C LEU C 63 7.72 -0.16 2.27
N GLN C 64 6.53 0.10 1.74
CA GLN C 64 5.99 -0.73 0.66
C GLN C 64 6.95 -0.72 -0.53
N ASP C 65 7.51 0.44 -0.82
CA ASP C 65 8.44 0.54 -1.95
C ASP C 65 9.66 -0.33 -1.73
N LEU C 66 10.19 -0.29 -0.52
CA LEU C 66 11.35 -1.10 -0.19
C LEU C 66 11.05 -2.59 -0.31
N LEU C 67 9.95 -3.05 0.28
CA LEU C 67 9.63 -4.47 0.31
C LEU C 67 9.30 -5.01 -1.06
N ARG C 68 8.66 -4.18 -1.89
CA ARG C 68 8.41 -4.59 -3.28
C ARG C 68 9.73 -4.84 -4.04
N GLU C 69 10.74 -4.04 -3.74
CA GLU C 69 12.03 -4.19 -4.41
C GLU C 69 12.77 -5.43 -3.90
N LYS C 70 12.63 -5.73 -2.62
CA LYS C 70 13.20 -6.96 -2.08
C LYS C 70 12.37 -8.16 -2.55
N LEU C 71 11.08 -7.96 -2.73
CA LEU C 71 10.25 -9.05 -3.22
C LEU C 71 10.72 -9.44 -4.62
N ARG C 72 10.85 -8.46 -5.50
CA ARG C 72 11.30 -8.74 -6.86
C ARG C 72 12.69 -9.40 -6.88
N ALA C 73 13.59 -8.97 -5.99
CA ALA C 73 14.94 -9.50 -5.96
C ALA C 73 14.91 -10.96 -5.54
N ILE C 74 14.14 -11.22 -4.50
CA ILE C 74 14.01 -12.56 -3.98
C ILE C 74 13.56 -13.52 -5.07
N LEU C 75 12.52 -13.12 -5.78
CA LEU C 75 11.97 -13.97 -6.81
C LEU C 75 13.01 -14.16 -7.91
N ASP C 76 13.53 -13.06 -8.42
CA ASP C 76 14.63 -13.10 -9.37
C ASP C 76 15.69 -14.14 -8.99
N ASN C 77 16.22 -14.04 -7.78
CA ASN C 77 17.23 -14.98 -7.35
C ASN C 77 16.71 -16.41 -7.41
N GLU C 78 15.47 -16.58 -7.01
CA GLU C 78 14.79 -17.87 -7.06
C GLU C 78 14.82 -18.41 -8.48
N ILE C 79 14.36 -17.58 -9.42
CA ILE C 79 14.33 -17.98 -10.82
C ILE C 79 15.74 -18.34 -11.27
N GLU C 80 16.71 -17.52 -10.86
CA GLU C 80 18.09 -17.74 -11.29
C GLU C 80 18.68 -19.05 -10.75
N ILE C 81 18.34 -19.40 -9.52
CA ILE C 81 18.81 -20.65 -8.95
C ILE C 81 18.15 -21.88 -9.58
N LYS C 82 16.86 -21.79 -9.87
CA LYS C 82 16.17 -22.92 -10.45
C LYS C 82 16.70 -23.23 -11.84
N ARG C 83 17.25 -22.21 -12.50
CA ARG C 83 17.80 -22.35 -13.86
C ARG C 83 19.25 -22.82 -13.85
N LEU C 84 20.03 -22.28 -12.91
CA LEU C 84 21.36 -22.77 -12.63
C LEU C 84 21.31 -24.27 -12.51
N LEU C 85 20.22 -24.75 -11.90
CA LEU C 85 20.02 -26.17 -11.69
C LEU C 85 19.64 -26.94 -12.94
N GLN C 86 18.54 -26.57 -13.59
CA GLN C 86 18.16 -27.24 -14.82
C GLN C 86 19.45 -27.49 -15.60
N LEU C 87 20.33 -26.49 -15.64
CA LEU C 87 21.59 -26.61 -16.36
C LEU C 87 22.47 -27.73 -15.81
N ARG C 88 22.78 -27.71 -14.51
CA ARG C 88 23.61 -28.75 -13.94
C ARG C 88 22.96 -30.11 -14.11
N LEU C 89 21.64 -30.13 -14.21
CA LEU C 89 20.91 -31.38 -14.37
C LEU C 89 21.13 -31.92 -15.76
N ASP C 90 21.46 -31.04 -16.68
CA ASP C 90 21.68 -31.43 -18.06
C ASP C 90 23.16 -31.65 -18.34
N ARG C 91 24.00 -30.78 -17.81
CA ARG C 91 25.44 -30.97 -17.86
C ARG C 91 25.73 -32.39 -17.39
N LEU C 92 24.78 -32.94 -16.64
CA LEU C 92 24.88 -34.31 -16.20
C LEU C 92 24.04 -35.16 -17.14
N SER C 93 22.80 -34.74 -17.37
CA SER C 93 21.89 -35.47 -18.25
C SER C 93 22.57 -35.98 -19.53
N ASP C 94 22.95 -35.06 -20.43
CA ASP C 94 23.60 -35.44 -21.67
C ASP C 94 24.92 -36.16 -21.40
N LEU C 95 25.82 -35.47 -20.71
CA LEU C 95 27.11 -36.03 -20.33
C LEU C 95 27.00 -36.96 -19.12
N SER D 1 2.64 2.80 18.19
CA SER D 1 4.01 2.36 18.00
C SER D 1 4.13 0.85 17.97
N ASN D 2 3.01 0.16 17.99
CA ASN D 2 3.01 -1.22 17.55
C ASN D 2 3.17 -1.06 16.05
N ALA D 3 2.77 0.11 15.54
CA ALA D 3 2.90 0.41 14.12
C ALA D 3 4.36 0.44 13.71
N GLU D 5 6.85 -0.99 15.37
CA GLU D 5 7.40 -2.33 15.59
C GLU D 5 6.98 -3.28 14.47
N ARG D 6 5.73 -3.13 14.03
CA ARG D 6 5.12 -3.97 13.00
C ARG D 6 5.88 -3.78 11.70
N HIS D 7 6.35 -2.56 11.50
CA HIS D 7 7.20 -2.22 10.37
C HIS D 7 8.64 -2.78 10.48
N GLN D 8 9.19 -2.85 11.68
CA GLN D 8 10.54 -3.38 11.81
C GLN D 8 10.51 -4.87 11.61
N HIS D 9 9.54 -5.51 12.23
CA HIS D 9 9.35 -6.92 12.06
C HIS D 9 9.26 -7.27 10.59
N LEU D 10 8.36 -6.62 9.89
CA LEU D 10 8.12 -6.93 8.48
C LEU D 10 9.37 -6.71 7.64
N LEU D 11 9.97 -5.54 7.77
CA LEU D 11 11.24 -5.28 7.10
C LEU D 11 12.27 -6.34 7.49
N SER D 12 12.36 -6.62 8.78
CA SER D 12 13.33 -7.59 9.24
C SER D 12 13.09 -8.91 8.54
N GLU D 13 11.82 -9.29 8.40
CA GLU D 13 11.50 -10.58 7.83
C GLU D 13 12.00 -10.68 6.42
N TYR D 14 11.81 -9.62 5.64
CA TYR D 14 12.26 -9.62 4.24
C TYR D 14 13.77 -9.50 4.12
N GLN D 15 14.37 -8.73 5.02
CA GLN D 15 15.81 -8.63 5.03
C GLN D 15 16.44 -10.00 5.20
N GLN D 16 15.86 -10.80 6.08
CA GLN D 16 16.41 -12.12 6.39
C GLN D 16 16.26 -13.06 5.22
N ILE D 17 15.19 -12.86 4.46
CA ILE D 17 14.92 -13.72 3.31
C ILE D 17 15.76 -13.34 2.09
N LEU D 18 15.86 -12.05 1.83
CA LEU D 18 16.71 -11.59 0.74
C LEU D 18 18.14 -11.99 1.02
N THR D 19 18.49 -11.97 2.28
CA THR D 19 19.83 -12.34 2.67
C THR D 19 20.12 -13.82 2.37
N LEU D 20 19.17 -14.68 2.68
CA LEU D 20 19.35 -16.11 2.44
C LEU D 20 19.33 -16.38 0.95
N SER D 21 18.44 -15.68 0.27
CA SER D 21 18.38 -15.67 -1.18
C SER D 21 19.76 -15.39 -1.81
N GLU D 22 20.39 -14.29 -1.38
CA GLU D 22 21.68 -13.87 -1.94
C GLU D 22 22.82 -14.88 -1.70
N GLN D 23 22.96 -15.35 -0.48
CA GLN D 23 23.97 -16.36 -0.18
C GLN D 23 23.73 -17.65 -0.96
N LEU D 25 22.03 -17.77 -3.91
CA LEU D 25 22.37 -17.43 -5.29
C LEU D 25 23.85 -17.63 -5.60
N VAL D 26 24.73 -17.22 -4.69
CA VAL D 26 26.16 -17.31 -4.96
C VAL D 26 26.72 -18.71 -4.72
N LEU D 27 26.23 -19.41 -3.70
CA LEU D 27 26.61 -20.80 -3.50
C LEU D 27 26.31 -21.60 -4.75
N ALA D 28 25.13 -21.37 -5.31
CA ALA D 28 24.70 -22.04 -6.56
C ALA D 28 25.48 -21.54 -7.76
N THR D 29 25.72 -20.23 -7.80
CA THR D 29 26.56 -19.62 -8.81
C THR D 29 27.90 -20.36 -8.93
N GLU D 30 28.45 -20.81 -7.81
CA GLU D 30 29.71 -21.52 -7.82
C GLU D 30 29.49 -23.03 -7.90
N GLY D 31 28.23 -23.43 -7.91
CA GLY D 31 27.88 -24.83 -8.08
C GLY D 31 27.98 -25.66 -6.81
N ASN D 32 28.12 -25.01 -5.67
CA ASN D 32 28.17 -25.71 -4.41
C ASN D 32 26.76 -26.13 -3.97
N TRP D 33 26.18 -27.11 -4.65
CA TRP D 33 24.81 -27.52 -4.37
C TRP D 33 24.71 -28.19 -3.02
N ASP D 34 25.81 -28.16 -2.28
CA ASP D 34 25.88 -28.81 -0.97
C ASP D 34 25.62 -27.83 0.17
N ALA D 35 26.33 -26.70 0.19
CA ALA D 35 26.12 -25.68 1.20
C ALA D 35 24.72 -25.13 1.09
N LEU D 36 24.01 -25.62 0.08
CA LEU D 36 22.71 -25.09 -0.31
C LEU D 36 21.56 -25.74 0.42
N VAL D 37 21.64 -27.05 0.65
CA VAL D 37 20.50 -27.76 1.20
C VAL D 37 20.27 -27.41 2.66
N ASP D 38 21.29 -26.86 3.32
CA ASP D 38 21.11 -26.43 4.70
C ASP D 38 20.50 -25.02 4.80
N LEU D 39 21.00 -24.11 3.96
CA LEU D 39 20.40 -22.80 3.84
C LEU D 39 18.92 -22.90 3.50
N GLU D 40 18.55 -24.00 2.85
CA GLU D 40 17.18 -24.19 2.40
C GLU D 40 16.17 -24.19 3.53
N THR D 42 16.41 -23.02 6.53
CA THR D 42 16.37 -21.69 7.14
C THR D 42 15.58 -20.70 6.29
N TYR D 43 15.72 -20.84 4.97
CA TYR D 43 15.00 -20.02 4.01
C TYR D 43 13.51 -20.28 4.08
N LEU D 44 13.12 -21.54 4.03
CA LEU D 44 11.71 -21.88 4.04
C LEU D 44 11.05 -21.35 5.30
N LYS D 45 11.77 -21.42 6.41
CA LYS D 45 11.18 -21.11 7.68
C LYS D 45 11.11 -19.61 7.96
N ALA D 46 11.97 -18.85 7.29
CA ALA D 46 11.85 -17.39 7.23
C ALA D 46 10.61 -17.03 6.44
N VAL D 47 10.42 -17.73 5.32
CA VAL D 47 9.25 -17.57 4.47
C VAL D 47 7.99 -17.94 5.25
N GLU D 48 8.05 -19.05 5.97
CA GLU D 48 6.93 -19.46 6.81
C GLU D 48 6.62 -18.36 7.83
N SER D 49 7.66 -17.78 8.41
CA SER D 49 7.50 -16.81 9.47
C SER D 49 6.95 -15.49 8.94
N THR D 50 7.29 -15.16 7.70
CA THR D 50 6.79 -13.94 7.09
C THR D 50 5.34 -14.12 6.63
N ALA D 51 5.04 -15.28 6.07
CA ALA D 51 3.69 -15.57 5.63
C ALA D 51 2.75 -15.53 6.82
N ASN D 52 3.23 -15.96 7.98
CA ASN D 52 2.38 -15.99 9.18
C ASN D 52 1.95 -14.61 9.62
N ILE D 53 2.71 -13.59 9.23
CA ILE D 53 2.39 -12.20 9.59
C ILE D 53 0.95 -11.91 9.16
N THR D 54 0.65 -12.19 7.89
CA THR D 54 -0.65 -11.90 7.33
C THR D 54 -1.74 -12.84 7.84
N ILE D 55 -1.40 -14.11 8.01
CA ILE D 55 -2.39 -15.04 8.50
C ILE D 55 -2.82 -14.65 9.91
N SER D 56 -1.86 -14.58 10.83
CA SER D 56 -2.21 -14.29 12.20
C SER D 56 -2.98 -12.97 12.33
N SER D 57 -2.83 -12.09 11.34
CA SER D 57 -3.46 -10.77 11.36
C SER D 57 -4.90 -10.82 10.85
N CYS D 58 -5.35 -12.00 10.45
CA CYS D 58 -6.68 -12.18 9.90
C CYS D 58 -7.72 -12.38 10.99
N SER D 59 -8.84 -11.68 10.85
CA SER D 59 -9.86 -11.63 11.87
C SER D 59 -10.70 -12.92 11.94
N SER D 60 -10.75 -13.66 10.83
CA SER D 60 -11.52 -14.92 10.77
C SER D 60 -10.80 -16.04 11.50
N LEU D 61 -11.47 -16.68 12.44
CA LEU D 61 -10.85 -17.77 13.19
C LEU D 61 -10.70 -19.05 12.38
N LEU D 63 -10.67 -19.36 9.26
CA LEU D 63 -9.78 -19.14 8.13
C LEU D 63 -8.29 -19.24 8.48
N GLN D 64 -7.88 -18.61 9.58
CA GLN D 64 -6.50 -18.74 10.09
C GLN D 64 -6.04 -20.20 10.19
N ASP D 65 -6.92 -21.07 10.66
CA ASP D 65 -6.65 -22.50 10.72
C ASP D 65 -6.32 -23.00 9.33
N LEU D 66 -7.30 -22.87 8.45
CA LEU D 66 -7.20 -23.40 7.10
C LEU D 66 -5.91 -23.01 6.39
N LEU D 67 -5.47 -21.78 6.58
CA LEU D 67 -4.31 -21.30 5.84
C LEU D 67 -3.00 -21.79 6.43
N ARG D 68 -2.96 -21.94 7.74
CA ARG D 68 -1.80 -22.52 8.40
CA ARG D 68 -1.77 -22.51 8.35
C ARG D 68 -1.62 -23.95 7.89
N GLU D 69 -2.76 -24.65 7.76
CA GLU D 69 -2.80 -25.98 7.20
C GLU D 69 -2.21 -25.91 5.81
N LYS D 70 -2.71 -24.98 5.00
CA LYS D 70 -2.30 -24.90 3.60
C LYS D 70 -0.85 -24.49 3.48
N LEU D 71 -0.42 -23.53 4.29
CA LEU D 71 0.96 -23.05 4.27
C LEU D 71 1.93 -24.17 4.65
N ARG D 72 1.56 -24.96 5.65
CA ARG D 72 2.41 -26.05 6.07
C ARG D 72 2.55 -27.02 4.90
N ALA D 73 1.44 -27.28 4.22
CA ALA D 73 1.42 -28.23 3.11
C ALA D 73 2.25 -27.74 1.95
N ILE D 74 2.09 -26.47 1.61
CA ILE D 74 2.93 -25.83 0.60
C ILE D 74 4.41 -26.03 0.92
N LEU D 75 4.81 -25.75 2.16
CA LEU D 75 6.22 -25.82 2.50
C LEU D 75 6.74 -27.24 2.40
N ASP D 76 5.98 -28.16 2.95
CA ASP D 76 6.34 -29.58 2.94
C ASP D 76 6.42 -30.18 1.54
N ASN D 77 5.60 -29.68 0.61
CA ASN D 77 5.70 -30.05 -0.80
C ASN D 77 6.97 -29.49 -1.44
N GLU D 78 7.24 -28.21 -1.21
CA GLU D 78 8.49 -27.62 -1.67
C GLU D 78 9.67 -28.42 -1.15
N ILE D 79 9.56 -28.86 0.10
CA ILE D 79 10.58 -29.68 0.72
C ILE D 79 10.75 -31.01 -0.02
N GLU D 80 9.66 -31.76 -0.10
CA GLU D 80 9.68 -33.05 -0.77
C GLU D 80 10.19 -32.84 -2.18
N ILE D 81 9.61 -31.89 -2.88
CA ILE D 81 10.04 -31.64 -4.24
C ILE D 81 11.53 -31.40 -4.31
N LYS D 82 12.03 -30.47 -3.50
CA LYS D 82 13.46 -30.20 -3.49
C LYS D 82 14.28 -31.44 -3.16
N ARG D 83 13.82 -32.23 -2.19
CA ARG D 83 14.48 -33.48 -1.90
C ARG D 83 14.56 -34.29 -3.19
N LEU D 84 13.44 -34.37 -3.89
CA LEU D 84 13.34 -35.15 -5.13
C LEU D 84 14.38 -34.74 -6.16
N LEU D 85 14.42 -33.45 -6.49
CA LEU D 85 15.45 -32.97 -7.42
C LEU D 85 16.80 -33.38 -6.90
N GLN D 86 17.05 -33.12 -5.63
CA GLN D 86 18.31 -33.48 -5.03
C GLN D 86 18.55 -34.97 -5.27
N LEU D 87 17.47 -35.74 -5.30
CA LEU D 87 17.57 -37.18 -5.48
C LEU D 87 18.05 -37.54 -6.88
N ARG D 88 17.50 -36.89 -7.89
CA ARG D 88 17.92 -37.11 -9.27
C ARG D 88 19.30 -36.49 -9.51
N LEU D 89 19.53 -35.30 -8.97
CA LEU D 89 20.81 -34.64 -9.17
C LEU D 89 21.93 -35.58 -8.76
N ASP D 90 21.82 -36.13 -7.54
CA ASP D 90 22.81 -37.06 -7.01
C ASP D 90 22.91 -38.30 -7.88
N ARG D 91 21.78 -38.74 -8.41
CA ARG D 91 21.76 -39.88 -9.31
C ARG D 91 22.63 -39.59 -10.52
N LEU D 92 22.23 -38.62 -11.34
CA LEU D 92 23.02 -38.23 -12.51
C LEU D 92 24.48 -38.05 -12.13
N SER D 93 24.70 -37.29 -11.06
CA SER D 93 26.04 -37.03 -10.56
C SER D 93 26.86 -38.32 -10.43
N ASP D 94 26.45 -39.20 -9.52
CA ASP D 94 27.11 -40.48 -9.37
C ASP D 94 27.60 -41.01 -10.71
N LEU D 95 26.68 -41.06 -11.67
CA LEU D 95 26.92 -41.73 -12.94
C LEU D 95 28.04 -41.12 -13.77
N VAL D 96 28.09 -39.80 -13.82
CA VAL D 96 29.15 -39.12 -14.52
C VAL D 96 30.44 -39.15 -13.70
#